data_5VYQ
#
_entry.id   5VYQ
#
_cell.length_a   47.486
_cell.length_b   73.018
_cell.length_c   173.265
_cell.angle_alpha   90.00
_cell.angle_beta   90.00
_cell.angle_gamma   90.00
#
_symmetry.space_group_name_H-M   'P 21 21 21'
#
loop_
_entity.id
_entity.type
_entity.pdbx_description
1 polymer 'Uncharacterized protein'
2 non-polymer 'N-{[4-({[(6R)-2-amino-5-formyl-4-oxo-1,4,5,6,7,8-hexahydropteridin-6-yl]methyl}amino)phenyl]carbonyl}-L-glutamic acid'
3 non-polymer dTDP-4-amino-4,6-dideoxyglucose
4 non-polymer 1,2-ETHANEDIOL
5 non-polymer 'SODIUM ION'
6 non-polymer 'CHLORIDE ION'
7 non-polymer '3-[4-(2-HYDROXYETHYL)PIPERAZIN-1-YL]PROPANE-1-SULFONIC ACID'
8 non-polymer 'LITHIUM ION'
9 non-polymer "THYMIDINE-5'-DIPHOSPHATE"
10 non-polymer 'POTASSIUM ION'
11 water water
#
_entity_poly.entity_id   1
_entity_poly.type   'polypeptide(L)'
_entity_poly.pdbx_seq_one_letter_code
;MGSSHHHHHHSSRNLYFQGHMVTILILTDNVHAHALAVDLQARHGDMDVYQSPIGQLPGVPRCDVAERVAEIVERYDLVL
SFHCKQRFPAALIDGVRCVNVHPGFNPYNRGWFPQVFSIIDGQKVGVTIHEIDDQLDHGPIIAQRECAIESWDSSGSVYA
RLMDIERELVLEHFDAIRDGSYTAKSPATEGNLNLKKDFEQLRRLDLNERGTFGHFLNRLRALTHDDFRNAWFVDASGRK
VFVRVVLEPEKPAEA
;
_entity_poly.pdbx_strand_id   A,B
#
# COMPACT_ATOMS: atom_id res chain seq x y z
N GLN A 18 -5.61 -49.12 8.41
CA GLN A 18 -4.93 -49.96 9.45
C GLN A 18 -4.58 -49.24 10.75
N GLY A 19 -5.14 -48.04 10.96
CA GLY A 19 -4.87 -47.24 12.16
C GLY A 19 -3.40 -46.97 12.41
N HIS A 20 -2.93 -47.35 13.60
CA HIS A 20 -1.51 -47.21 13.99
C HIS A 20 -0.50 -47.93 13.09
N MET A 21 -0.96 -48.97 12.38
CA MET A 21 -0.13 -49.76 11.48
C MET A 21 0.16 -49.02 10.18
N VAL A 22 -0.45 -47.85 9.96
CA VAL A 22 -0.14 -47.08 8.77
C VAL A 22 1.14 -46.27 9.00
N THR A 23 2.12 -46.52 8.15
CA THR A 23 3.42 -45.84 8.25
C THR A 23 3.39 -44.66 7.27
N ILE A 24 3.52 -43.44 7.78
CA ILE A 24 3.27 -42.25 6.98
C ILE A 24 4.54 -41.44 6.81
N LEU A 25 4.74 -40.97 5.58
CA LEU A 25 5.76 -39.96 5.33
C LEU A 25 5.08 -38.64 4.96
N ILE A 26 5.47 -37.56 5.61
CA ILE A 26 5.07 -36.20 5.21
C ILE A 26 6.28 -35.47 4.66
N LEU A 27 6.13 -34.93 3.47
CA LEU A 27 7.11 -34.06 2.83
C LEU A 27 6.48 -32.67 2.87
N THR A 28 7.22 -31.70 3.38
CA THR A 28 6.71 -30.33 3.52
C THR A 28 7.82 -29.29 3.40
N ASP A 29 7.55 -28.23 2.66
CA ASP A 29 8.49 -27.14 2.44
C ASP A 29 7.94 -25.77 2.91
N ASN A 30 6.89 -25.78 3.68
CA ASN A 30 6.16 -24.57 4.12
C ASN A 30 6.07 -24.57 5.65
N VAL A 31 6.37 -23.41 6.26
CA VAL A 31 6.42 -23.28 7.70
CA VAL A 31 6.42 -23.27 7.70
C VAL A 31 5.10 -23.61 8.39
N HIS A 32 3.98 -23.15 7.83
CA HIS A 32 2.68 -23.43 8.44
C HIS A 32 2.35 -24.91 8.30
N ALA A 33 2.57 -25.46 7.10
CA ALA A 33 2.20 -26.83 6.84
C ALA A 33 3.11 -27.75 7.68
N HIS A 34 4.34 -27.32 7.91
CA HIS A 34 5.26 -28.15 8.70
C HIS A 34 4.81 -28.21 10.16
N ALA A 35 4.37 -27.07 10.70
CA ALA A 35 3.83 -27.05 12.06
C ALA A 35 2.62 -27.95 12.21
N LEU A 36 1.77 -27.98 11.18
CA LEU A 36 0.64 -28.88 11.20
C LEU A 36 1.09 -30.35 11.18
N ALA A 37 2.04 -30.69 10.31
CA ALA A 37 2.66 -32.02 10.28
C ALA A 37 3.18 -32.44 11.69
N VAL A 38 3.88 -31.54 12.35
CA VAL A 38 4.41 -31.80 13.70
C VAL A 38 3.26 -32.09 14.68
N ASP A 39 2.20 -31.32 14.59
CA ASP A 39 1.03 -31.56 15.43
CA ASP A 39 1.06 -31.55 15.45
C ASP A 39 0.40 -32.89 15.14
N LEU A 40 0.37 -33.29 13.86
CA LEU A 40 -0.18 -34.61 13.54
C LEU A 40 0.67 -35.76 14.10
N GLN A 41 1.97 -35.52 14.19
CA GLN A 41 2.88 -36.51 14.77
C GLN A 41 2.54 -36.83 16.21
N ALA A 42 1.89 -35.92 16.93
CA ALA A 42 1.37 -36.24 18.25
C ALA A 42 0.14 -37.15 18.17
N ARG A 43 -0.59 -37.13 17.08
CA ARG A 43 -1.79 -37.93 16.89
C ARG A 43 -1.51 -39.29 16.25
N HIS A 44 -0.27 -39.54 15.85
CA HIS A 44 0.02 -40.73 15.03
C HIS A 44 1.51 -41.00 15.16
N GLY A 45 1.86 -42.08 15.83
CA GLY A 45 3.27 -42.34 16.13
C GLY A 45 4.15 -42.68 14.94
N ASP A 46 3.65 -43.50 14.03
CA ASP A 46 4.50 -43.98 12.95
C ASP A 46 4.39 -42.97 11.77
N MET A 47 5.00 -41.81 11.95
CA MET A 47 4.96 -40.72 10.99
C MET A 47 6.27 -40.01 10.97
N ASP A 48 6.89 -39.90 9.79
CA ASP A 48 8.13 -39.14 9.60
C ASP A 48 7.86 -37.84 8.83
N VAL A 49 8.61 -36.78 9.15
CA VAL A 49 8.43 -35.47 8.56
C VAL A 49 9.79 -34.98 8.03
N TYR A 50 9.81 -34.72 6.75
CA TYR A 50 10.95 -34.19 6.05
C TYR A 50 10.60 -33.04 5.14
N GLN A 51 11.61 -32.23 4.83
CA GLN A 51 11.48 -31.27 3.77
C GLN A 51 12.21 -31.74 2.55
N SER A 52 11.90 -31.13 1.43
CA SER A 52 12.55 -31.50 0.17
C SER A 52 13.90 -30.74 0.07
N PRO A 53 14.65 -31.03 -1.00
CA PRO A 53 15.86 -30.23 -1.21
C PRO A 53 15.55 -28.74 -1.50
N ILE A 54 14.33 -28.42 -1.91
CA ILE A 54 13.90 -27.05 -2.21
C ILE A 54 13.51 -26.26 -0.95
N GLY A 55 13.13 -26.98 0.11
CA GLY A 55 12.73 -26.35 1.34
C GLY A 55 13.82 -25.52 1.98
N GLN A 56 13.43 -24.48 2.69
CA GLN A 56 14.35 -23.71 3.53
C GLN A 56 13.92 -23.66 4.98
N LEU A 57 13.34 -24.76 5.48
CA LEU A 57 12.93 -24.80 6.86
C LEU A 57 14.11 -25.09 7.76
N PRO A 58 14.35 -24.22 8.77
CA PRO A 58 15.48 -24.44 9.66
C PRO A 58 15.38 -25.75 10.45
N GLY A 59 16.44 -26.56 10.45
CA GLY A 59 16.46 -27.71 11.34
C GLY A 59 15.68 -28.95 10.87
N VAL A 60 14.99 -28.86 9.74
CA VAL A 60 14.17 -29.97 9.29
C VAL A 60 14.99 -30.88 8.36
N PRO A 61 14.99 -32.19 8.61
CA PRO A 61 15.78 -33.08 7.76
C PRO A 61 15.25 -33.12 6.34
N ARG A 62 16.17 -33.35 5.42
CA ARG A 62 15.84 -33.34 3.99
C ARG A 62 15.68 -34.73 3.37
N CYS A 63 14.79 -34.82 2.37
CA CYS A 63 14.64 -36.01 1.57
C CYS A 63 14.45 -35.66 0.12
N ASP A 64 15.34 -36.18 -0.72
CA ASP A 64 15.25 -35.97 -2.16
C ASP A 64 14.41 -37.12 -2.66
N VAL A 65 13.15 -36.78 -2.95
CA VAL A 65 12.15 -37.70 -3.36
C VAL A 65 12.49 -38.45 -4.64
N ALA A 66 13.07 -37.76 -5.61
CA ALA A 66 13.44 -38.38 -6.85
C ALA A 66 14.55 -39.44 -6.65
N GLU A 67 15.53 -39.16 -5.80
CA GLU A 67 16.58 -40.14 -5.58
C GLU A 67 16.11 -41.30 -4.70
N ARG A 68 15.13 -41.07 -3.82
CA ARG A 68 14.77 -42.03 -2.81
C ARG A 68 13.46 -42.78 -3.06
N VAL A 69 12.96 -42.73 -4.29
CA VAL A 69 11.65 -43.32 -4.63
CA VAL A 69 11.65 -43.32 -4.59
C VAL A 69 11.53 -44.77 -4.20
N ALA A 70 12.55 -45.58 -4.51
CA ALA A 70 12.43 -46.96 -4.19
C ALA A 70 12.29 -47.25 -2.70
N GLU A 71 13.07 -46.53 -1.91
CA GLU A 71 13.00 -46.69 -0.47
C GLU A 71 11.69 -46.17 0.12
N ILE A 72 11.25 -45.02 -0.38
CA ILE A 72 9.94 -44.51 0.05
C ILE A 72 8.80 -45.49 -0.21
N VAL A 73 8.73 -46.03 -1.42
CA VAL A 73 7.69 -46.96 -1.78
C VAL A 73 7.78 -48.22 -0.90
N GLU A 74 9.00 -48.69 -0.65
CA GLU A 74 9.15 -49.88 0.19
C GLU A 74 8.70 -49.66 1.65
N ARG A 75 9.11 -48.56 2.23
CA ARG A 75 8.99 -48.33 3.66
C ARG A 75 7.70 -47.69 4.16
N TYR A 76 6.99 -46.98 3.28
CA TYR A 76 5.80 -46.26 3.72
C TYR A 76 4.55 -46.80 3.09
N ASP A 77 3.42 -46.63 3.77
CA ASP A 77 2.11 -47.00 3.30
C ASP A 77 1.38 -45.81 2.69
N LEU A 78 1.78 -44.60 3.04
CA LEU A 78 1.07 -43.38 2.62
C LEU A 78 2.10 -42.23 2.61
N VAL A 79 2.11 -41.44 1.56
CA VAL A 79 2.98 -40.28 1.49
C VAL A 79 2.07 -39.05 1.38
N LEU A 80 2.30 -38.08 2.25
CA LEU A 80 1.59 -36.80 2.17
C LEU A 80 2.48 -35.65 1.74
N SER A 81 1.99 -34.89 0.77
CA SER A 81 2.59 -33.61 0.40
C SER A 81 1.87 -32.51 1.16
N PHE A 82 2.58 -31.93 2.13
CA PHE A 82 2.13 -30.76 2.86
C PHE A 82 2.89 -29.59 2.26
N HIS A 83 2.49 -29.20 1.04
CA HIS A 83 3.16 -28.16 0.31
C HIS A 83 4.62 -28.53 0.04
N CYS A 84 4.87 -29.76 -0.41
CA CYS A 84 6.16 -30.14 -0.91
C CYS A 84 6.38 -29.52 -2.28
N LYS A 85 7.51 -28.86 -2.48
CA LYS A 85 7.76 -28.17 -3.74
C LYS A 85 8.36 -29.09 -4.80
N GLN A 86 8.89 -30.23 -4.37
CA GLN A 86 9.49 -31.20 -5.29
C GLN A 86 8.40 -32.07 -5.94
N ARG A 87 8.33 -32.13 -7.27
CA ARG A 87 7.35 -32.96 -7.95
CA ARG A 87 7.35 -32.96 -7.96
C ARG A 87 7.63 -34.44 -7.63
N PHE A 88 6.57 -35.21 -7.45
CA PHE A 88 6.65 -36.64 -7.15
C PHE A 88 6.69 -37.31 -8.53
N PRO A 89 7.72 -38.11 -8.78
CA PRO A 89 7.72 -38.82 -10.06
C PRO A 89 6.72 -39.95 -10.16
N ALA A 90 6.53 -40.40 -11.41
CA ALA A 90 5.59 -41.47 -11.68
C ALA A 90 5.84 -42.68 -10.76
N ALA A 91 7.09 -43.10 -10.58
CA ALA A 91 7.33 -44.33 -9.82
C ALA A 91 6.86 -44.20 -8.35
N LEU A 92 6.87 -42.99 -7.82
CA LEU A 92 6.46 -42.78 -6.46
C LEU A 92 4.94 -42.78 -6.42
N ILE A 93 4.30 -41.97 -7.28
CA ILE A 93 2.86 -41.88 -7.23
C ILE A 93 2.16 -43.18 -7.65
N ASP A 94 2.84 -43.94 -8.49
CA ASP A 94 2.30 -45.19 -8.98
C ASP A 94 2.52 -46.33 -8.00
N GLY A 95 3.46 -46.16 -7.04
CA GLY A 95 3.85 -47.27 -6.15
C GLY A 95 3.41 -47.16 -4.70
N VAL A 96 2.87 -46.01 -4.33
CA VAL A 96 2.32 -45.83 -2.99
C VAL A 96 1.23 -44.76 -3.05
N ARG A 97 0.22 -44.88 -2.18
CA ARG A 97 -0.84 -43.85 -2.14
C ARG A 97 -0.24 -42.52 -1.72
N CYS A 98 -0.41 -41.49 -2.55
CA CYS A 98 0.12 -40.18 -2.27
C CYS A 98 -1.05 -39.21 -2.25
N VAL A 99 -1.04 -38.33 -1.26
CA VAL A 99 -2.11 -37.37 -1.05
C VAL A 99 -1.48 -36.01 -0.85
N ASN A 100 -2.08 -35.01 -1.48
CA ASN A 100 -1.68 -33.63 -1.43
C ASN A 100 -2.67 -32.79 -0.65
N VAL A 101 -2.13 -31.87 0.14
CA VAL A 101 -2.92 -30.82 0.73
C VAL A 101 -2.55 -29.49 0.06
N HIS A 102 -3.49 -29.03 -0.72
CA HIS A 102 -3.27 -27.94 -1.68
C HIS A 102 -4.08 -26.71 -1.30
N PRO A 103 -3.38 -25.56 -1.18
CA PRO A 103 -4.08 -24.33 -0.82
C PRO A 103 -4.72 -23.62 -2.04
N GLY A 104 -5.52 -24.39 -2.77
CA GLY A 104 -6.39 -23.88 -3.82
C GLY A 104 -7.66 -24.71 -3.83
N PHE A 105 -8.68 -24.23 -4.54
CA PHE A 105 -9.95 -24.98 -4.63
C PHE A 105 -9.98 -25.68 -6.01
N ASN A 106 -9.58 -26.95 -6.08
CA ASN A 106 -9.51 -27.64 -7.39
C ASN A 106 -10.90 -27.76 -8.00
N PRO A 107 -10.99 -27.60 -9.31
CA PRO A 107 -9.88 -27.53 -10.26
C PRO A 107 -9.51 -26.11 -10.72
N TYR A 108 -9.89 -25.12 -9.95
CA TYR A 108 -9.76 -23.71 -10.34
C TYR A 108 -8.39 -23.21 -9.89
N ASN A 109 -7.63 -22.56 -10.80
CA ASN A 109 -6.31 -21.98 -10.40
C ASN A 109 -5.45 -22.97 -9.67
N ARG A 110 -5.39 -24.15 -10.27
CA ARG A 110 -4.37 -25.14 -9.86
C ARG A 110 -2.97 -24.56 -10.02
N GLY A 111 -2.01 -25.12 -9.28
CA GLY A 111 -0.61 -24.74 -9.42
C GLY A 111 -0.31 -23.56 -8.52
N TRP A 112 0.32 -22.57 -9.08
CA TRP A 112 1.08 -21.63 -8.26
C TRP A 112 0.20 -20.54 -7.66
N PHE A 113 0.33 -20.32 -6.36
CA PHE A 113 -0.27 -19.21 -5.64
C PHE A 113 -1.75 -18.99 -5.99
N PRO A 114 -2.57 -20.00 -5.74
CA PRO A 114 -3.95 -19.87 -6.26
C PRO A 114 -4.72 -18.58 -5.94
N GLN A 115 -4.65 -18.09 -4.70
CA GLN A 115 -5.46 -16.94 -4.28
C GLN A 115 -5.04 -15.69 -5.08
N VAL A 116 -3.79 -15.59 -5.52
CA VAL A 116 -3.34 -14.46 -6.34
C VAL A 116 -4.21 -14.41 -7.59
N PHE A 117 -4.35 -15.55 -8.23
CA PHE A 117 -5.04 -15.66 -9.48
C PHE A 117 -6.55 -15.55 -9.25
N SER A 118 -7.05 -16.10 -8.14
CA SER A 118 -8.48 -15.99 -7.88
C SER A 118 -8.97 -14.60 -7.50
N ILE A 119 -8.13 -13.83 -6.83
CA ILE A 119 -8.48 -12.45 -6.57
C ILE A 119 -8.76 -11.72 -7.88
N ILE A 120 -7.94 -12.00 -8.87
CA ILE A 120 -8.08 -11.35 -10.18
C ILE A 120 -9.21 -11.92 -10.99
N ASP A 121 -9.35 -13.25 -11.03
CA ASP A 121 -10.34 -13.82 -11.94
C ASP A 121 -11.69 -14.16 -11.35
N GLY A 122 -11.87 -14.10 -10.05
CA GLY A 122 -13.17 -14.36 -9.39
C GLY A 122 -13.50 -15.82 -9.20
N GLN A 123 -12.58 -16.71 -9.56
CA GLN A 123 -12.80 -18.13 -9.35
C GLN A 123 -12.70 -18.45 -7.88
N LYS A 124 -13.28 -19.54 -7.43
CA LYS A 124 -13.17 -19.95 -6.02
C LYS A 124 -11.73 -20.18 -5.62
N VAL A 125 -11.47 -19.95 -4.35
CA VAL A 125 -10.24 -20.41 -3.74
C VAL A 125 -10.62 -21.11 -2.43
N GLY A 126 -9.66 -21.80 -1.85
CA GLY A 126 -9.93 -22.63 -0.65
C GLY A 126 -8.80 -23.64 -0.54
N VAL A 127 -9.09 -24.79 0.05
CA VAL A 127 -8.10 -25.82 0.27
C VAL A 127 -8.67 -27.13 -0.25
N THR A 128 -7.82 -27.93 -0.89
CA THR A 128 -8.25 -29.21 -1.43
C THR A 128 -7.30 -30.30 -0.98
N ILE A 129 -7.85 -31.40 -0.47
CA ILE A 129 -7.04 -32.58 -0.15
C ILE A 129 -7.44 -33.62 -1.23
N HIS A 130 -6.46 -34.15 -1.93
CA HIS A 130 -6.66 -35.01 -3.08
C HIS A 130 -5.53 -36.01 -3.27
N GLU A 131 -5.89 -37.14 -3.86
CA GLU A 131 -4.85 -38.09 -4.29
C GLU A 131 -4.05 -37.50 -5.44
N ILE A 132 -2.76 -37.80 -5.44
CA ILE A 132 -1.84 -37.25 -6.44
C ILE A 132 -1.78 -38.16 -7.63
N ASP A 133 -1.79 -37.56 -8.81
CA ASP A 133 -1.51 -38.22 -10.10
C ASP A 133 -0.41 -37.47 -10.85
N ASP A 134 -0.21 -37.82 -12.11
CA ASP A 134 0.86 -37.24 -12.88
C ASP A 134 0.74 -35.74 -13.16
N GLN A 135 -0.46 -35.17 -13.02
CA GLN A 135 -0.62 -33.74 -13.26
C GLN A 135 -0.55 -32.99 -11.94
N LEU A 136 -0.39 -31.69 -12.05
CA LEU A 136 -0.37 -30.84 -10.84
C LEU A 136 -1.76 -30.55 -10.32
N ASP A 137 -1.95 -30.82 -9.02
CA ASP A 137 -3.15 -30.44 -8.34
C ASP A 137 -4.35 -30.97 -9.12
N HIS A 138 -4.30 -32.28 -9.36
CA HIS A 138 -5.26 -32.96 -10.24
C HIS A 138 -5.54 -34.27 -9.57
N GLY A 139 -6.66 -34.86 -9.82
CA GLY A 139 -6.82 -36.15 -9.11
C GLY A 139 -7.96 -36.20 -8.12
N PRO A 140 -8.23 -37.42 -7.61
CA PRO A 140 -9.44 -37.58 -6.84
C PRO A 140 -9.49 -36.77 -5.57
N ILE A 141 -10.55 -35.97 -5.42
CA ILE A 141 -10.74 -35.16 -4.24
C ILE A 141 -11.27 -35.92 -3.07
N ILE A 142 -10.57 -35.83 -1.95
CA ILE A 142 -11.00 -36.39 -0.70
C ILE A 142 -11.89 -35.41 0.05
N ALA A 143 -11.42 -34.17 0.17
CA ALA A 143 -12.19 -33.13 0.83
C ALA A 143 -11.73 -31.77 0.33
N GLN A 144 -12.63 -30.80 0.44
CA GLN A 144 -12.22 -29.45 0.15
C GLN A 144 -13.16 -28.47 0.80
N ARG A 145 -12.69 -27.24 0.83
CA ARG A 145 -13.42 -26.18 1.50
C ARG A 145 -13.08 -24.85 0.88
N GLU A 146 -14.13 -24.08 0.61
CA GLU A 146 -13.99 -22.74 0.07
C GLU A 146 -13.59 -21.71 1.13
N CYS A 147 -12.82 -20.70 0.70
CA CYS A 147 -12.50 -19.51 1.49
C CYS A 147 -13.08 -18.33 0.75
N ALA A 148 -13.90 -17.54 1.42
CA ALA A 148 -14.46 -16.38 0.73
C ALA A 148 -13.36 -15.30 0.58
N ILE A 149 -13.49 -14.50 -0.46
CA ILE A 149 -12.54 -13.40 -0.72
C ILE A 149 -13.38 -12.12 -0.62
N GLU A 150 -13.03 -11.24 0.30
CA GLU A 150 -13.73 -9.99 0.51
C GLU A 150 -13.09 -8.89 -0.37
N SER A 151 -13.78 -7.76 -0.49
CA SER A 151 -13.30 -6.67 -1.33
C SER A 151 -12.06 -6.02 -0.80
N TRP A 152 -11.81 -6.14 0.50
CA TRP A 152 -10.63 -5.61 1.13
C TRP A 152 -9.48 -6.62 1.26
N ASP A 153 -9.65 -7.84 0.77
CA ASP A 153 -8.62 -8.87 0.95
C ASP A 153 -7.44 -8.64 -0.03
N SER A 154 -6.27 -9.05 0.42
CA SER A 154 -5.08 -9.19 -0.41
C SER A 154 -4.69 -10.66 -0.44
N SER A 155 -3.70 -10.96 -1.26
CA SER A 155 -3.12 -12.31 -1.20
C SER A 155 -2.75 -12.72 0.24
N GLY A 156 -2.13 -11.81 0.99
CA GLY A 156 -1.64 -12.15 2.32
C GLY A 156 -2.79 -12.44 3.28
N SER A 157 -3.86 -11.64 3.24
CA SER A 157 -4.94 -11.84 4.16
C SER A 157 -5.73 -13.11 3.83
N VAL A 158 -5.92 -13.40 2.54
CA VAL A 158 -6.61 -14.65 2.15
C VAL A 158 -5.76 -15.86 2.55
N TYR A 159 -4.47 -15.79 2.30
CA TYR A 159 -3.57 -16.90 2.57
C TYR A 159 -3.57 -17.27 4.06
N ALA A 160 -3.61 -16.29 4.94
CA ALA A 160 -3.65 -16.56 6.36
C ALA A 160 -4.90 -17.34 6.72
N ARG A 161 -6.04 -17.01 6.11
CA ARG A 161 -7.25 -17.78 6.31
C ARG A 161 -7.14 -19.18 5.67
N LEU A 162 -6.51 -19.27 4.50
CA LEU A 162 -6.25 -20.59 3.91
C LEU A 162 -5.45 -21.52 4.82
N MET A 163 -4.49 -20.99 5.55
CA MET A 163 -3.71 -21.85 6.45
C MET A 163 -4.61 -22.30 7.62
N ASP A 164 -5.52 -21.46 8.11
CA ASP A 164 -6.45 -21.89 9.17
C ASP A 164 -7.37 -22.97 8.62
N ILE A 165 -7.87 -22.81 7.40
CA ILE A 165 -8.73 -23.80 6.76
C ILE A 165 -8.01 -25.11 6.55
N GLU A 166 -6.74 -25.05 6.19
CA GLU A 166 -5.99 -26.25 5.94
C GLU A 166 -5.90 -27.05 7.22
N ARG A 167 -5.61 -26.36 8.33
CA ARG A 167 -5.48 -27.04 9.61
C ARG A 167 -6.81 -27.68 10.01
N GLU A 168 -7.92 -26.95 9.80
CA GLU A 168 -9.26 -27.45 10.11
CA GLU A 168 -9.21 -27.53 10.20
C GLU A 168 -9.57 -28.72 9.32
N LEU A 169 -9.33 -28.66 8.01
CA LEU A 169 -9.72 -29.73 7.14
C LEU A 169 -8.88 -30.98 7.34
N VAL A 170 -7.57 -30.78 7.53
CA VAL A 170 -6.71 -31.90 7.85
C VAL A 170 -7.06 -32.62 9.16
N LEU A 171 -7.28 -31.84 10.21
CA LEU A 171 -7.64 -32.41 11.52
C LEU A 171 -8.97 -33.13 11.42
N GLU A 172 -9.93 -32.57 10.68
CA GLU A 172 -11.19 -33.27 10.48
C GLU A 172 -11.06 -34.60 9.77
N HIS A 173 -10.29 -34.64 8.68
CA HIS A 173 -10.26 -35.77 7.82
C HIS A 173 -9.09 -36.75 8.00
N PHE A 174 -8.24 -36.51 8.99
CA PHE A 174 -6.99 -37.26 9.12
C PHE A 174 -7.26 -38.76 9.20
N ASP A 175 -8.22 -39.18 10.04
CA ASP A 175 -8.42 -40.62 10.14
C ASP A 175 -8.73 -41.24 8.77
N ALA A 176 -9.61 -40.63 7.99
CA ALA A 176 -10.00 -41.19 6.69
C ALA A 176 -8.80 -41.22 5.74
N ILE A 177 -7.99 -40.17 5.83
CA ILE A 177 -6.81 -40.06 5.00
C ILE A 177 -5.83 -41.17 5.33
N ARG A 178 -5.59 -41.31 6.63
CA ARG A 178 -4.77 -42.38 7.16
C ARG A 178 -5.19 -43.76 6.66
N ASP A 179 -6.48 -44.02 6.77
CA ASP A 179 -7.00 -45.36 6.56
C ASP A 179 -7.37 -45.61 5.11
N GLY A 180 -7.42 -44.58 4.30
CA GLY A 180 -7.86 -44.75 2.92
C GLY A 180 -9.33 -45.17 2.85
N SER A 181 -10.14 -44.73 3.81
CA SER A 181 -11.54 -45.16 3.92
C SER A 181 -12.51 -44.26 3.15
N TYR A 182 -12.02 -43.20 2.56
CA TYR A 182 -12.87 -42.26 1.84
C TYR A 182 -13.23 -42.81 0.47
N THR A 183 -14.19 -42.18 -0.20
CA THR A 183 -14.42 -42.46 -1.60
C THR A 183 -14.23 -41.12 -2.34
N ALA A 184 -13.08 -41.01 -2.98
CA ALA A 184 -12.68 -39.72 -3.57
C ALA A 184 -13.25 -39.63 -4.95
N LYS A 185 -13.48 -38.40 -5.40
CA LYS A 185 -14.08 -38.13 -6.69
C LYS A 185 -13.26 -37.07 -7.43
N SER A 186 -12.88 -37.37 -8.66
CA SER A 186 -12.23 -36.38 -9.52
C SER A 186 -13.17 -35.24 -9.89
N PRO A 187 -12.67 -34.00 -10.02
CA PRO A 187 -13.55 -32.95 -10.45
C PRO A 187 -14.06 -33.24 -11.83
N ALA A 188 -15.27 -32.80 -12.12
CA ALA A 188 -15.87 -33.01 -13.44
C ALA A 188 -15.22 -32.28 -14.59
N THR A 189 -14.52 -31.19 -14.29
CA THR A 189 -13.81 -30.45 -15.34
C THR A 189 -12.33 -30.35 -15.07
N GLU A 190 -11.54 -30.03 -16.07
CA GLU A 190 -10.10 -29.91 -15.90
C GLU A 190 -9.67 -28.63 -15.20
N GLY A 191 -10.49 -27.59 -15.28
CA GLY A 191 -10.14 -26.29 -14.68
C GLY A 191 -9.00 -25.63 -15.42
N ASN A 192 -8.07 -24.99 -14.67
CA ASN A 192 -6.95 -24.33 -15.28
C ASN A 192 -5.75 -24.38 -14.35
N LEU A 193 -4.58 -24.24 -14.93
CA LEU A 193 -3.30 -24.41 -14.21
C LEU A 193 -2.44 -23.23 -14.43
N ASN A 194 -1.91 -22.66 -13.34
CA ASN A 194 -0.94 -21.59 -13.39
C ASN A 194 0.40 -22.07 -12.86
N LEU A 195 1.47 -21.70 -13.55
CA LEU A 195 2.80 -22.07 -13.13
C LEU A 195 3.55 -20.83 -12.64
N LYS A 196 4.70 -21.09 -12.02
CA LYS A 196 5.54 -20.01 -11.47
C LYS A 196 5.70 -18.88 -12.50
N LYS A 197 5.94 -19.22 -13.76
CA LYS A 197 6.09 -18.16 -14.76
C LYS A 197 4.89 -17.25 -14.97
N ASP A 198 3.69 -17.80 -14.84
CA ASP A 198 2.48 -17.00 -14.94
C ASP A 198 2.39 -15.95 -13.83
N PHE A 199 2.87 -16.30 -12.62
CA PHE A 199 2.96 -15.33 -11.53
C PHE A 199 4.06 -14.30 -11.83
N GLU A 200 5.23 -14.76 -12.26
CA GLU A 200 6.31 -13.80 -12.60
C GLU A 200 5.85 -12.82 -13.64
N GLN A 201 5.14 -13.28 -14.64
CA GLN A 201 4.64 -12.34 -15.61
C GLN A 201 3.61 -11.34 -15.11
N LEU A 202 2.67 -11.79 -14.28
CA LEU A 202 1.67 -10.91 -13.66
C LEU A 202 2.25 -9.78 -12.79
N ARG A 203 3.37 -10.08 -12.15
CA ARG A 203 4.10 -9.15 -11.29
C ARG A 203 4.33 -7.79 -11.93
N ARG A 204 4.62 -7.78 -13.21
CA ARG A 204 5.07 -6.59 -13.90
C ARG A 204 3.86 -5.81 -14.36
N LEU A 205 3.76 -4.58 -13.89
CA LEU A 205 2.64 -3.70 -14.21
C LEU A 205 3.02 -2.85 -15.41
N ASP A 206 2.18 -2.87 -16.44
CA ASP A 206 2.33 -2.00 -17.61
C ASP A 206 1.53 -0.71 -17.34
N LEU A 207 2.23 0.41 -17.25
CA LEU A 207 1.61 1.68 -16.94
C LEU A 207 0.63 2.12 -17.99
N ASN A 208 0.79 1.61 -19.21
CA ASN A 208 -0.18 1.91 -20.28
C ASN A 208 -1.36 0.96 -20.40
N GLU A 209 -1.39 -0.08 -19.57
CA GLU A 209 -2.58 -0.94 -19.59
C GLU A 209 -3.84 -0.15 -19.24
N ARG A 210 -4.92 -0.33 -20.00
CA ARG A 210 -6.17 0.29 -19.65
C ARG A 210 -7.12 -0.69 -19.05
N GLY A 211 -7.90 -0.19 -18.11
CA GLY A 211 -8.86 -1.02 -17.41
C GLY A 211 -9.66 -0.19 -16.42
N THR A 212 -10.51 -0.85 -15.66
CA THR A 212 -11.25 -0.17 -14.62
C THR A 212 -10.43 -0.05 -13.36
N PHE A 213 -10.84 0.91 -12.55
CA PHE A 213 -10.19 1.09 -11.29
C PHE A 213 -10.34 -0.17 -10.45
N GLY A 214 -11.50 -0.79 -10.52
CA GLY A 214 -11.73 -2.10 -9.84
C GLY A 214 -10.74 -3.16 -10.25
N HIS A 215 -10.53 -3.26 -11.56
CA HIS A 215 -9.64 -4.26 -12.13
C HIS A 215 -8.24 -3.95 -11.63
N PHE A 216 -7.84 -2.70 -11.69
CA PHE A 216 -6.51 -2.36 -11.18
C PHE A 216 -6.31 -2.68 -9.69
N LEU A 217 -7.29 -2.34 -8.88
CA LEU A 217 -7.20 -2.60 -7.45
C LEU A 217 -7.12 -4.11 -7.23
N ASN A 218 -7.86 -4.90 -8.01
CA ASN A 218 -7.74 -6.37 -7.91
C ASN A 218 -6.34 -6.86 -8.23
N ARG A 219 -5.73 -6.30 -9.28
CA ARG A 219 -4.33 -6.63 -9.54
C ARG A 219 -3.39 -6.33 -8.40
N LEU A 220 -3.46 -5.10 -7.86
CA LEU A 220 -2.57 -4.70 -6.82
C LEU A 220 -2.77 -5.50 -5.54
N ARG A 221 -4.02 -5.75 -5.16
CA ARG A 221 -4.23 -6.46 -3.90
C ARG A 221 -3.85 -7.96 -4.09
N ALA A 222 -4.09 -8.49 -5.29
CA ALA A 222 -3.64 -9.85 -5.58
C ALA A 222 -2.13 -10.02 -5.38
N LEU A 223 -1.36 -8.95 -5.66
CA LEU A 223 0.08 -8.97 -5.56
C LEU A 223 0.60 -8.44 -4.26
N THR A 224 -0.31 -8.17 -3.33
CA THR A 224 0.02 -7.70 -2.04
C THR A 224 0.00 -8.85 -1.05
N HIS A 225 1.14 -9.08 -0.41
CA HIS A 225 1.29 -10.23 0.49
C HIS A 225 2.34 -9.93 1.53
N ASP A 226 1.90 -9.44 2.66
CA ASP A 226 2.82 -8.94 3.69
C ASP A 226 3.84 -7.98 3.03
N ASP A 227 5.13 -8.15 3.27
CA ASP A 227 6.04 -7.19 2.65
C ASP A 227 6.77 -7.73 1.44
N PHE A 228 6.29 -8.81 0.85
CA PHE A 228 6.86 -9.25 -0.41
C PHE A 228 6.82 -8.14 -1.45
N ARG A 229 7.95 -7.90 -2.11
CA ARG A 229 8.02 -6.94 -3.20
C ARG A 229 7.66 -7.64 -4.51
N ASN A 230 6.37 -7.92 -4.70
CA ASN A 230 5.91 -8.63 -5.86
C ASN A 230 5.65 -7.74 -7.07
N ALA A 231 4.73 -6.78 -6.95
CA ALA A 231 4.37 -5.94 -8.10
C ALA A 231 5.44 -4.86 -8.34
N TRP A 232 5.71 -4.62 -9.62
CA TRP A 232 6.67 -3.57 -9.98
C TRP A 232 6.29 -2.99 -11.30
N PHE A 233 6.71 -1.75 -11.50
CA PHE A 233 6.66 -1.13 -12.82
C PHE A 233 8.03 -0.53 -13.08
N VAL A 234 8.27 -0.14 -14.33
CA VAL A 234 9.45 0.64 -14.69
C VAL A 234 8.95 2.01 -15.12
N ASP A 235 9.54 3.06 -14.54
CA ASP A 235 9.15 4.41 -14.88
C ASP A 235 9.81 4.84 -16.19
N ALA A 236 9.41 6.02 -16.62
CA ALA A 236 9.83 6.60 -17.88
C ALA A 236 11.34 6.65 -17.93
N SER A 237 12.02 6.85 -16.80
CA SER A 237 13.47 6.86 -16.81
C SER A 237 14.18 5.53 -16.72
N GLY A 238 13.44 4.43 -16.59
CA GLY A 238 14.01 3.07 -16.50
C GLY A 238 14.20 2.54 -15.11
N ARG A 239 13.71 3.24 -14.08
CA ARG A 239 13.86 2.84 -12.70
C ARG A 239 12.70 1.92 -12.34
N LYS A 240 13.03 0.78 -11.77
CA LYS A 240 12.06 -0.16 -11.20
C LYS A 240 11.51 0.31 -9.88
N VAL A 241 10.20 0.21 -9.75
CA VAL A 241 9.54 0.61 -8.52
C VAL A 241 8.58 -0.50 -8.07
N PHE A 242 8.64 -0.86 -6.80
CA PHE A 242 7.77 -1.89 -6.23
C PHE A 242 6.52 -1.28 -5.64
N VAL A 243 5.40 -2.01 -5.68
CA VAL A 243 4.12 -1.40 -5.30
C VAL A 243 3.34 -2.43 -4.48
N ARG A 244 2.77 -2.01 -3.36
CA ARG A 244 1.73 -2.84 -2.70
C ARG A 244 0.63 -1.93 -2.19
N VAL A 245 -0.54 -2.48 -1.91
CA VAL A 245 -1.68 -1.68 -1.45
C VAL A 245 -2.04 -2.05 -0.02
N VAL A 246 -2.63 -1.08 0.67
CA VAL A 246 -3.17 -1.23 2.03
C VAL A 246 -4.65 -0.91 1.94
N LEU A 247 -5.47 -1.92 2.26
CA LEU A 247 -6.92 -1.79 2.20
C LEU A 247 -7.46 -1.98 3.60
N GLU A 248 -8.35 -1.11 4.02
CA GLU A 248 -8.96 -1.21 5.35
C GLU A 248 -10.43 -0.95 5.24
N PRO A 249 -11.26 -1.93 5.62
CA PRO A 249 -12.69 -1.67 5.50
C PRO A 249 -13.13 -0.77 6.65
N GLU A 250 -14.13 0.05 6.41
CA GLU A 250 -14.64 0.95 7.45
C GLU A 250 -15.26 0.09 8.57
N LYS A 251 -14.94 0.40 9.82
CA LYS A 251 -15.52 -0.33 10.94
C LYS A 251 -16.98 0.09 11.06
N PRO A 252 -17.89 -0.86 11.36
CA PRO A 252 -19.17 -0.43 11.97
C PRO A 252 -19.01 -0.06 13.45
N GLN B 18 10.57 51.41 6.84
CA GLN B 18 10.44 50.35 7.88
C GLN B 18 11.50 50.41 8.97
N GLY B 19 12.74 50.67 8.53
CA GLY B 19 13.87 50.69 9.44
C GLY B 19 14.23 49.39 10.12
N HIS B 20 14.79 49.52 11.31
CA HIS B 20 15.53 48.42 11.88
C HIS B 20 14.73 47.62 12.85
N MET B 21 13.53 48.10 13.16
CA MET B 21 12.69 47.40 14.10
C MET B 21 11.31 47.11 13.57
N VAL B 22 11.30 46.00 12.88
CA VAL B 22 10.09 45.48 12.29
C VAL B 22 9.43 44.50 13.26
N THR B 23 8.20 44.79 13.67
CA THR B 23 7.49 43.93 14.58
C THR B 23 6.63 42.97 13.75
N ILE B 24 6.77 41.66 13.96
CA ILE B 24 6.21 40.67 13.00
C ILE B 24 5.14 39.83 13.67
N LEU B 25 4.00 39.65 13.00
CA LEU B 25 2.99 38.69 13.44
C LEU B 25 3.11 37.51 12.51
N ILE B 26 3.33 36.32 13.07
CA ILE B 26 3.25 35.08 12.24
C ILE B 26 1.89 34.46 12.48
N LEU B 27 1.23 34.11 11.38
CA LEU B 27 -0.01 33.32 11.46
C LEU B 27 0.15 31.98 10.73
N THR B 28 -0.05 30.88 11.44
CA THR B 28 -0.17 29.61 10.71
C THR B 28 -0.87 28.58 11.56
N ASP B 29 -1.54 27.67 10.86
CA ASP B 29 -2.17 26.51 11.49
C ASP B 29 -1.39 25.23 11.27
N ASN B 30 -0.29 25.32 10.56
CA ASN B 30 0.44 24.14 10.18
C ASN B 30 1.49 23.82 11.20
N VAL B 31 1.56 22.55 11.59
CA VAL B 31 2.55 22.14 12.59
C VAL B 31 4.01 22.37 12.23
N HIS B 32 4.42 22.10 11.00
CA HIS B 32 5.81 22.33 10.60
C HIS B 32 6.09 23.81 10.54
N ALA B 33 5.18 24.57 9.96
CA ALA B 33 5.43 26.01 9.87
C ALA B 33 5.46 26.66 11.24
N HIS B 34 4.66 26.16 12.16
CA HIS B 34 4.71 26.66 13.52
C HIS B 34 6.07 26.47 14.14
N ALA B 35 6.63 25.28 13.93
CA ALA B 35 7.95 24.97 14.47
C ALA B 35 8.99 25.87 13.85
N LEU B 36 8.88 26.15 12.55
CA LEU B 36 9.77 27.07 11.88
C LEU B 36 9.62 28.47 12.47
N ALA B 37 8.37 28.87 12.70
CA ALA B 37 8.08 30.18 13.28
C ALA B 37 8.71 30.36 14.67
N VAL B 38 8.66 29.29 15.46
CA VAL B 38 9.26 29.33 16.78
C VAL B 38 10.77 29.58 16.63
N ASP B 39 11.42 28.99 15.64
CA ASP B 39 12.84 29.24 15.41
C ASP B 39 13.10 30.67 14.94
N LEU B 40 12.23 31.18 14.07
CA LEU B 40 12.34 32.57 13.66
C LEU B 40 12.18 33.53 14.83
N GLN B 41 11.26 33.25 15.74
CA GLN B 41 11.03 34.11 16.89
C GLN B 41 12.27 34.16 17.77
N ALA B 42 12.99 33.06 17.83
CA ALA B 42 14.20 32.99 18.66
C ALA B 42 15.25 33.93 18.11
N ARG B 43 15.36 33.97 16.78
CA ARG B 43 16.27 34.84 16.03
C ARG B 43 15.82 36.30 16.02
N HIS B 44 14.51 36.53 15.91
CA HIS B 44 14.06 37.88 15.68
C HIS B 44 13.63 38.65 16.91
N GLY B 45 13.01 37.97 17.86
CA GLY B 45 12.58 38.53 19.13
C GLY B 45 11.25 39.26 19.15
N ASP B 46 11.15 40.30 18.33
CA ASP B 46 9.98 41.18 18.30
C ASP B 46 8.99 40.54 17.32
N MET B 47 8.45 39.42 17.77
CA MET B 47 7.60 38.58 16.93
C MET B 47 6.59 37.85 17.77
N ASP B 48 5.35 37.79 17.34
CA ASP B 48 4.37 36.94 18.00
C ASP B 48 3.91 35.88 16.99
N VAL B 49 3.57 34.71 17.50
CA VAL B 49 3.19 33.60 16.65
C VAL B 49 1.81 33.12 17.08
N TYR B 50 0.85 33.14 16.17
CA TYR B 50 -0.56 32.83 16.45
C TYR B 50 -1.05 31.81 15.42
N GLN B 51 -2.16 31.14 15.77
CA GLN B 51 -2.91 30.31 14.85
C GLN B 51 -4.33 30.90 14.73
N SER B 52 -5.11 30.32 13.83
CA SER B 52 -6.46 30.79 13.56
C SER B 52 -7.47 30.18 14.53
N PRO B 53 -8.72 30.65 14.46
CA PRO B 53 -9.74 30.06 15.32
C PRO B 53 -9.98 28.57 15.06
N ILE B 54 -9.54 28.07 13.91
CA ILE B 54 -9.75 26.66 13.59
C ILE B 54 -8.46 25.87 13.53
N GLY B 55 -7.31 26.48 13.86
CA GLY B 55 -6.14 25.68 14.01
C GLY B 55 -6.23 24.64 15.10
N GLN B 56 -5.40 23.63 15.00
CA GLN B 56 -5.37 22.54 15.97
C GLN B 56 -4.03 22.39 16.66
N LEU B 57 -3.31 23.50 16.80
CA LEU B 57 -2.01 23.44 17.42
C LEU B 57 -2.17 23.66 18.93
N PRO B 58 -1.83 22.65 19.74
CA PRO B 58 -2.21 22.81 21.15
C PRO B 58 -1.43 23.90 21.85
N GLY B 59 -2.15 24.77 22.54
CA GLY B 59 -1.54 25.78 23.37
C GLY B 59 -1.11 27.01 22.59
N VAL B 60 -1.30 27.01 21.28
CA VAL B 60 -0.87 28.17 20.51
C VAL B 60 -1.91 29.27 20.51
N PRO B 61 -1.52 30.50 20.87
CA PRO B 61 -2.51 31.54 20.93
C PRO B 61 -3.28 31.73 19.64
N ARG B 62 -4.56 32.05 19.77
CA ARG B 62 -5.45 32.08 18.63
C ARG B 62 -5.84 33.54 18.34
N CYS B 63 -5.99 33.87 17.05
CA CYS B 63 -6.31 35.22 16.60
C CYS B 63 -7.35 35.13 15.46
N ASP B 64 -8.49 35.79 15.62
CA ASP B 64 -9.48 35.90 14.52
C ASP B 64 -9.10 37.18 13.78
N VAL B 65 -8.48 37.05 12.62
CA VAL B 65 -7.83 38.21 11.97
C VAL B 65 -8.87 39.25 11.59
N ALA B 66 -10.02 38.80 11.08
CA ALA B 66 -11.13 39.68 10.72
C ALA B 66 -11.57 40.56 11.87
N GLU B 67 -11.52 40.05 13.10
CA GLU B 67 -11.95 40.82 14.27
C GLU B 67 -10.89 41.67 14.96
N ARG B 68 -9.63 41.44 14.62
CA ARG B 68 -8.52 42.09 15.29
C ARG B 68 -7.71 42.99 14.34
N VAL B 69 -8.29 43.38 13.20
CA VAL B 69 -7.53 44.23 12.25
C VAL B 69 -6.90 45.49 12.76
N ALA B 70 -7.68 46.37 13.38
CA ALA B 70 -7.09 47.56 13.92
C ALA B 70 -5.93 47.34 14.88
N GLU B 71 -6.12 46.35 15.74
CA GLU B 71 -5.10 45.98 16.73
C GLU B 71 -3.83 45.49 16.04
N ILE B 72 -4.01 44.69 15.00
CA ILE B 72 -2.86 44.13 14.25
C ILE B 72 -2.10 45.26 13.52
N VAL B 73 -2.84 46.11 12.83
CA VAL B 73 -2.27 47.24 12.11
C VAL B 73 -1.50 48.18 13.02
N GLU B 74 -1.99 48.39 14.24
CA GLU B 74 -1.27 49.19 15.22
C GLU B 74 0.00 48.55 15.76
N ARG B 75 -0.02 47.25 16.03
CA ARG B 75 1.08 46.62 16.72
C ARG B 75 2.19 46.22 15.75
N TYR B 76 1.83 45.77 14.54
CA TYR B 76 2.79 45.05 13.72
C TYR B 76 3.16 45.84 12.45
N ASP B 77 4.37 45.60 11.95
CA ASP B 77 4.87 46.15 10.71
C ASP B 77 4.84 45.17 9.51
N LEU B 78 4.71 43.90 9.86
CA LEU B 78 4.64 42.82 8.86
C LEU B 78 3.79 41.68 9.41
N VAL B 79 2.92 41.15 8.56
CA VAL B 79 2.22 39.92 8.85
C VAL B 79 2.75 38.87 7.88
N LEU B 80 3.20 37.76 8.45
CA LEU B 80 3.82 36.70 7.68
C LEU B 80 3.05 35.42 7.96
N SER B 81 2.25 35.01 7.00
CA SER B 81 1.47 33.79 7.14
C SER B 81 2.15 32.60 6.47
N PHE B 82 1.77 31.42 6.93
CA PHE B 82 2.23 30.18 6.32
C PHE B 82 1.05 29.28 6.00
N HIS B 83 0.92 28.93 4.73
CA HIS B 83 -0.09 28.00 4.22
C HIS B 83 -1.51 28.56 4.39
N CYS B 84 -1.66 29.88 4.33
CA CYS B 84 -2.94 30.55 4.42
C CYS B 84 -3.89 30.08 3.35
N LYS B 85 -5.13 29.86 3.75
CA LYS B 85 -6.14 29.35 2.85
C LYS B 85 -7.17 30.38 2.44
N GLN B 86 -7.26 31.51 3.12
CA GLN B 86 -8.36 32.43 2.80
C GLN B 86 -7.81 33.83 2.66
N ARG B 87 -8.63 34.68 2.06
CA ARG B 87 -8.22 36.07 1.90
C ARG B 87 -8.14 36.79 3.24
N PHE B 88 -7.20 37.73 3.35
CA PHE B 88 -7.15 38.66 4.47
C PHE B 88 -8.19 39.77 4.31
N PRO B 89 -8.58 40.40 5.43
CA PRO B 89 -9.46 41.57 5.34
C PRO B 89 -8.85 42.66 4.50
N ALA B 90 -9.68 43.33 3.71
CA ALA B 90 -9.15 44.42 2.88
C ALA B 90 -8.43 45.44 3.74
N ALA B 91 -8.95 45.74 4.93
CA ALA B 91 -8.29 46.74 5.75
C ALA B 91 -6.89 46.34 6.23
N LEU B 92 -6.68 45.02 6.35
CA LEU B 92 -5.39 44.54 6.81
C LEU B 92 -4.40 44.75 5.70
N ILE B 93 -4.80 44.36 4.48
CA ILE B 93 -3.98 44.63 3.32
C ILE B 93 -3.69 46.13 3.16
N ASP B 94 -4.67 46.98 3.48
CA ASP B 94 -4.49 48.42 3.34
C ASP B 94 -3.45 48.91 4.34
N GLY B 95 -3.45 48.31 5.53
CA GLY B 95 -2.74 48.85 6.68
C GLY B 95 -1.33 48.33 6.94
N VAL B 96 -0.99 47.14 6.46
CA VAL B 96 0.26 46.50 6.86
C VAL B 96 0.74 45.59 5.74
N ARG B 97 2.05 45.53 5.56
CA ARG B 97 2.67 44.61 4.60
C ARG B 97 2.32 43.18 5.00
N CYS B 98 1.82 42.39 4.05
CA CYS B 98 1.41 41.01 4.27
C CYS B 98 2.10 40.09 3.27
N VAL B 99 2.71 39.05 3.79
CA VAL B 99 3.47 38.08 2.99
C VAL B 99 3.03 36.70 3.38
N ASN B 100 2.87 35.78 2.42
CA ASN B 100 2.49 34.39 2.67
C ASN B 100 3.53 33.44 2.11
N VAL B 101 3.63 32.28 2.76
CA VAL B 101 4.50 31.21 2.35
C VAL B 101 3.57 30.05 2.00
N HIS B 102 3.45 29.79 0.71
CA HIS B 102 2.60 28.74 0.15
C HIS B 102 3.39 27.55 -0.33
N PRO B 103 3.02 26.35 0.13
CA PRO B 103 3.76 25.14 -0.22
C PRO B 103 3.29 24.58 -1.56
N GLY B 104 3.33 25.46 -2.55
CA GLY B 104 3.10 25.16 -3.98
C GLY B 104 4.07 26.02 -4.80
N PHE B 105 4.19 25.69 -6.09
CA PHE B 105 5.00 26.49 -7.01
C PHE B 105 4.12 27.41 -7.81
N ASN B 106 3.89 28.62 -7.30
CA ASN B 106 2.96 29.49 -7.97
C ASN B 106 3.45 29.82 -9.40
N PRO B 107 2.54 29.89 -10.38
CA PRO B 107 1.10 29.89 -10.20
C PRO B 107 0.38 28.56 -10.43
N TYR B 108 1.15 27.50 -10.36
CA TYR B 108 0.60 26.17 -10.68
C TYR B 108 0.04 25.53 -9.41
N ASN B 109 -1.18 24.99 -9.50
CA ASN B 109 -1.78 24.34 -8.34
C ASN B 109 -1.72 25.20 -7.10
N ARG B 110 -2.11 26.46 -7.32
CA ARG B 110 -2.43 27.34 -6.23
C ARG B 110 -3.50 26.70 -5.35
N GLY B 111 -3.62 27.10 -4.09
CA GLY B 111 -4.67 26.56 -3.24
C GLY B 111 -4.29 25.31 -2.45
N TRP B 112 -5.30 24.45 -2.26
CA TRP B 112 -5.18 23.33 -1.34
C TRP B 112 -4.23 22.22 -1.81
N PHE B 113 -3.33 21.83 -0.90
CA PHE B 113 -2.50 20.61 -0.99
C PHE B 113 -1.86 20.45 -2.37
N PRO B 114 -1.01 21.40 -2.74
CA PRO B 114 -0.49 21.38 -4.11
C PRO B 114 0.16 20.10 -4.64
N GLN B 115 0.93 19.42 -3.81
CA GLN B 115 1.61 18.21 -4.25
C GLN B 115 0.58 17.13 -4.60
N VAL B 116 -0.58 17.07 -3.98
CA VAL B 116 -1.61 16.12 -4.42
C VAL B 116 -1.95 16.29 -5.89
N PHE B 117 -2.26 17.51 -6.24
CA PHE B 117 -2.68 17.84 -7.59
C PHE B 117 -1.53 17.76 -8.58
N SER B 118 -0.32 18.07 -8.13
CA SER B 118 0.83 18.03 -9.06
C SER B 118 1.27 16.59 -9.34
N ILE B 119 1.11 15.70 -8.37
CA ILE B 119 1.38 14.27 -8.63
C ILE B 119 0.47 13.83 -9.77
N ILE B 120 -0.77 14.29 -9.78
CA ILE B 120 -1.74 13.85 -10.78
C ILE B 120 -1.52 14.53 -12.12
N ASP B 121 -1.24 15.83 -12.11
CA ASP B 121 -1.24 16.59 -13.36
C ASP B 121 0.15 16.90 -13.93
N GLY B 122 1.21 16.58 -13.19
CA GLY B 122 2.56 16.79 -13.67
C GLY B 122 3.10 18.20 -13.66
N GLN B 123 2.35 19.14 -13.11
CA GLN B 123 2.83 20.50 -12.92
C GLN B 123 3.87 20.56 -11.79
N LYS B 124 4.72 21.57 -11.83
CA LYS B 124 5.74 21.78 -10.82
C LYS B 124 5.09 21.91 -9.47
N VAL B 125 5.81 21.54 -8.44
CA VAL B 125 5.45 21.83 -7.08
C VAL B 125 6.72 22.38 -6.46
N GLY B 126 6.50 22.97 -5.29
CA GLY B 126 7.60 23.61 -4.57
C GLY B 126 7.04 24.55 -3.51
N VAL B 127 7.81 25.57 -3.14
CA VAL B 127 7.40 26.53 -2.09
C VAL B 127 7.56 27.92 -2.68
N THR B 128 6.56 28.77 -2.43
CA THR B 128 6.57 30.15 -2.93
C THR B 128 6.31 31.14 -1.81
N ILE B 129 7.24 32.11 -1.67
CA ILE B 129 7.03 33.26 -0.81
C ILE B 129 6.52 34.41 -1.64
N HIS B 130 5.35 34.92 -1.30
CA HIS B 130 4.72 35.96 -2.09
C HIS B 130 3.97 37.00 -1.27
N GLU B 131 3.82 38.21 -1.83
CA GLU B 131 3.00 39.26 -1.24
C GLU B 131 1.57 38.78 -1.35
N ILE B 132 0.77 39.14 -0.36
CA ILE B 132 -0.65 38.75 -0.32
C ILE B 132 -1.49 39.80 -1.02
N ASP B 133 -2.20 39.38 -2.09
CA ASP B 133 -3.23 40.19 -2.72
C ASP B 133 -4.61 39.57 -2.48
N ASP B 134 -5.62 40.10 -3.18
CA ASP B 134 -6.99 39.63 -3.00
C ASP B 134 -7.42 38.38 -3.75
N GLN B 135 -6.46 37.66 -4.29
CA GLN B 135 -6.73 36.34 -4.87
C GLN B 135 -5.84 35.34 -4.13
N LEU B 136 -6.28 34.09 -4.13
CA LEU B 136 -5.60 33.08 -3.33
C LEU B 136 -4.28 32.69 -3.95
N ASP B 137 -3.21 32.72 -3.17
CA ASP B 137 -1.91 32.30 -3.63
C ASP B 137 -1.51 32.93 -4.95
N HIS B 138 -1.71 34.25 -5.04
CA HIS B 138 -1.67 34.96 -6.30
C HIS B 138 -0.72 36.13 -6.37
N GLY B 139 -0.38 36.72 -5.23
CA GLY B 139 0.32 37.99 -5.34
C GLY B 139 1.76 37.87 -5.80
N PRO B 140 2.42 39.00 -6.04
CA PRO B 140 3.79 39.02 -6.51
C PRO B 140 4.78 38.17 -5.74
N ILE B 141 5.59 37.42 -6.46
CA ILE B 141 6.50 36.46 -5.92
C ILE B 141 7.78 37.09 -5.44
N ILE B 142 8.16 36.82 -4.20
CA ILE B 142 9.41 37.20 -3.60
C ILE B 142 10.52 36.19 -3.87
N ALA B 143 10.27 34.92 -3.60
CA ALA B 143 11.25 33.86 -3.78
C ALA B 143 10.45 32.57 -3.96
N GLN B 144 11.01 31.63 -4.72
CA GLN B 144 10.39 30.30 -4.81
C GLN B 144 11.42 29.26 -5.14
N ARG B 145 11.07 28.02 -4.84
CA ARG B 145 11.98 26.92 -5.03
C ARG B 145 11.17 25.68 -5.44
N GLU B 146 11.63 25.03 -6.52
CA GLU B 146 11.03 23.80 -6.98
C GLU B 146 11.44 22.60 -6.16
N CYS B 147 10.54 21.62 -6.12
CA CYS B 147 10.78 20.29 -5.55
C CYS B 147 10.47 19.26 -6.62
N ALA B 148 11.44 18.44 -7.01
CA ALA B 148 11.20 17.47 -8.08
C ALA B 148 10.32 16.36 -7.50
N ILE B 149 9.40 15.83 -8.29
CA ILE B 149 8.58 14.72 -7.83
C ILE B 149 9.09 13.46 -8.54
N GLU B 150 9.24 12.38 -7.79
CA GLU B 150 9.71 11.12 -8.31
C GLU B 150 8.53 10.16 -8.58
N SER B 151 8.75 9.14 -9.42
CA SER B 151 7.68 8.21 -9.81
C SER B 151 7.21 7.38 -8.63
N TRP B 152 8.02 7.26 -7.57
CA TRP B 152 7.74 6.54 -6.35
C TRP B 152 7.17 7.44 -5.23
N ASP B 153 7.08 8.74 -5.48
CA ASP B 153 6.59 9.64 -4.42
C ASP B 153 5.09 9.47 -4.16
N SER B 154 4.74 9.69 -2.89
CA SER B 154 3.35 9.91 -2.51
C SER B 154 3.18 11.36 -2.05
N SER B 155 1.96 11.75 -1.76
CA SER B 155 1.75 13.06 -1.16
C SER B 155 2.62 13.20 0.07
N GLY B 156 2.63 12.18 0.92
CA GLY B 156 3.34 12.26 2.16
C GLY B 156 4.82 12.48 1.97
N SER B 157 5.42 11.76 1.02
CA SER B 157 6.87 11.84 0.86
C SER B 157 7.27 13.17 0.19
N VAL B 158 6.48 13.66 -0.77
CA VAL B 158 6.82 14.97 -1.37
C VAL B 158 6.65 16.04 -0.30
N TYR B 159 5.56 15.98 0.47
CA TYR B 159 5.33 16.98 1.54
C TYR B 159 6.46 17.10 2.56
N ALA B 160 7.06 15.97 2.92
CA ALA B 160 8.13 16.05 3.92
C ALA B 160 9.28 16.87 3.29
N ARG B 161 9.58 16.64 2.01
CA ARG B 161 10.63 17.40 1.33
C ARG B 161 10.23 18.86 1.18
N LEU B 162 8.97 19.15 0.88
CA LEU B 162 8.54 20.52 0.83
C LEU B 162 8.71 21.25 2.12
N MET B 163 8.50 20.58 3.23
CA MET B 163 8.67 21.22 4.53
C MET B 163 10.15 21.53 4.80
N ASP B 164 11.02 20.60 4.39
CA ASP B 164 12.47 20.92 4.41
C ASP B 164 12.81 22.12 3.53
N ILE B 165 12.26 22.16 2.30
CA ILE B 165 12.50 23.26 1.38
C ILE B 165 11.98 24.57 1.98
N GLU B 166 10.79 24.52 2.58
CA GLU B 166 10.22 25.73 3.16
C GLU B 166 11.13 26.32 4.21
N ARG B 167 11.61 25.47 5.11
CA ARG B 167 12.56 25.86 6.13
C ARG B 167 13.82 26.53 5.49
N GLU B 168 14.41 25.89 4.49
CA GLU B 168 15.65 26.40 3.87
C GLU B 168 15.41 27.73 3.18
N LEU B 169 14.33 27.80 2.42
CA LEU B 169 13.98 28.97 1.69
C LEU B 169 13.69 30.18 2.58
N VAL B 170 12.87 29.95 3.60
CA VAL B 170 12.49 31.02 4.50
C VAL B 170 13.73 31.51 5.27
N LEU B 171 14.54 30.57 5.73
CA LEU B 171 15.71 30.97 6.51
C LEU B 171 16.64 31.75 5.61
N GLU B 172 16.81 31.34 4.36
CA GLU B 172 17.64 32.08 3.40
C GLU B 172 17.16 33.51 3.19
N HIS B 173 15.85 33.70 3.03
CA HIS B 173 15.33 34.99 2.67
C HIS B 173 14.80 35.85 3.81
N PHE B 174 14.95 35.38 5.04
CA PHE B 174 14.24 36.00 6.14
C PHE B 174 14.58 37.48 6.30
N ASP B 175 15.89 37.78 6.31
CA ASP B 175 16.27 39.17 6.52
C ASP B 175 15.67 40.09 5.47
N ALA B 176 15.64 39.63 4.21
CA ALA B 176 15.08 40.40 3.11
C ALA B 176 13.56 40.58 3.27
N ILE B 177 12.89 39.52 3.73
CA ILE B 177 11.47 39.62 4.02
C ILE B 177 11.22 40.62 5.18
N ARG B 178 11.99 40.50 6.24
CA ARG B 178 11.90 41.40 7.38
C ARG B 178 12.08 42.84 6.92
N ASP B 179 13.09 43.09 6.09
CA ASP B 179 13.52 44.45 5.75
C ASP B 179 12.75 45.04 4.58
N GLY B 180 11.97 44.19 3.90
CA GLY B 180 11.30 44.63 2.70
C GLY B 180 12.28 44.96 1.57
N SER B 181 13.46 44.38 1.56
CA SER B 181 14.48 44.69 0.55
C SER B 181 14.45 43.70 -0.61
N TYR B 182 13.27 43.58 -1.17
CA TYR B 182 13.10 42.67 -2.28
C TYR B 182 12.29 43.48 -3.23
N THR B 183 12.26 43.02 -4.48
CA THR B 183 11.25 43.49 -5.40
C THR B 183 10.47 42.31 -6.01
N ALA B 184 9.19 42.20 -5.67
CA ALA B 184 8.45 40.99 -5.99
C ALA B 184 7.93 41.18 -7.39
N LYS B 185 7.65 40.08 -8.05
CA LYS B 185 7.22 40.12 -9.43
C LYS B 185 6.03 39.20 -9.62
N SER B 186 4.99 39.69 -10.27
CA SER B 186 3.87 38.82 -10.58
C SER B 186 4.25 37.72 -11.55
N PRO B 187 3.63 36.56 -11.36
CA PRO B 187 3.85 35.52 -12.36
C PRO B 187 3.27 35.95 -13.69
N ALA B 188 3.86 35.40 -14.77
CA ALA B 188 3.50 35.79 -16.12
C ALA B 188 2.13 35.25 -16.50
N THR B 189 1.65 34.23 -15.83
CA THR B 189 0.36 33.67 -16.16
C THR B 189 -0.44 33.46 -14.88
N GLU B 190 -1.72 33.25 -15.03
CA GLU B 190 -2.59 33.11 -13.88
C GLU B 190 -2.51 31.71 -13.22
N GLY B 191 -2.23 30.68 -13.99
CA GLY B 191 -2.10 29.34 -13.44
C GLY B 191 -3.48 28.81 -13.16
N ASN B 192 -3.58 28.03 -12.09
CA ASN B 192 -4.81 27.41 -11.67
C ASN B 192 -4.90 27.25 -10.17
N LEU B 193 -6.13 27.14 -9.71
CA LEU B 193 -6.44 27.12 -8.28
C LEU B 193 -7.29 25.90 -7.95
N ASN B 194 -6.90 25.18 -6.92
CA ASN B 194 -7.68 24.09 -6.36
C ASN B 194 -8.25 24.43 -4.99
N LEU B 195 -9.49 24.02 -4.80
CA LEU B 195 -10.28 24.29 -3.62
C LEU B 195 -10.35 23.04 -2.78
N LYS B 196 -10.70 23.22 -1.51
CA LYS B 196 -10.91 22.10 -0.62
C LYS B 196 -11.80 21.04 -1.24
N LYS B 197 -12.84 21.51 -1.93
CA LYS B 197 -13.83 20.60 -2.51
C LYS B 197 -13.21 19.79 -3.66
N ASP B 198 -12.20 20.32 -4.33
CA ASP B 198 -11.49 19.59 -5.37
C ASP B 198 -10.73 18.40 -4.78
N PHE B 199 -10.19 18.57 -3.59
CA PHE B 199 -9.51 17.46 -2.92
C PHE B 199 -10.52 16.43 -2.49
N GLU B 200 -11.61 16.90 -1.88
CA GLU B 200 -12.62 15.96 -1.42
C GLU B 200 -13.17 15.13 -2.57
N GLN B 201 -13.39 15.76 -3.71
CA GLN B 201 -13.86 15.06 -4.89
C GLN B 201 -12.89 13.98 -5.41
N LEU B 202 -11.59 14.15 -5.20
CA LEU B 202 -10.63 13.12 -5.66
C LEU B 202 -10.71 11.86 -4.79
N ARG B 203 -11.21 11.96 -3.56
CA ARG B 203 -11.07 10.87 -2.57
C ARG B 203 -11.86 9.60 -2.96
N ARG B 204 -13.04 9.77 -3.54
CA ARG B 204 -13.88 8.67 -3.93
C ARG B 204 -13.35 8.06 -5.21
N LEU B 205 -13.01 6.79 -5.13
CA LEU B 205 -12.59 5.99 -6.26
C LEU B 205 -13.75 5.23 -6.85
N ASP B 206 -14.10 5.54 -8.10
CA ASP B 206 -15.20 4.89 -8.77
C ASP B 206 -14.66 3.62 -9.40
N LEU B 207 -15.13 2.47 -8.91
CA LEU B 207 -14.54 1.22 -9.40
C LEU B 207 -14.76 1.02 -10.88
N ASN B 208 -15.75 1.69 -11.45
CA ASN B 208 -16.08 1.54 -12.85
C ASN B 208 -15.34 2.55 -13.75
N GLU B 209 -14.65 3.50 -13.15
CA GLU B 209 -13.90 4.46 -13.94
C GLU B 209 -12.80 3.75 -14.74
N ARG B 210 -12.64 4.08 -16.02
CA ARG B 210 -11.57 3.53 -16.83
C ARG B 210 -10.39 4.49 -16.95
N GLY B 211 -9.19 3.95 -17.08
CA GLY B 211 -7.98 4.73 -17.30
C GLY B 211 -6.78 3.81 -17.43
N THR B 212 -5.62 4.42 -17.59
CA THR B 212 -4.39 3.67 -17.63
C THR B 212 -3.97 3.32 -16.22
N PHE B 213 -3.22 2.25 -16.10
CA PHE B 213 -2.65 1.89 -14.79
C PHE B 213 -1.79 2.99 -14.20
N GLY B 214 -1.02 3.69 -15.03
CA GLY B 214 -0.25 4.85 -14.57
C GLY B 214 -1.15 5.95 -13.99
N HIS B 215 -2.25 6.24 -14.66
CA HIS B 215 -3.22 7.25 -14.19
C HIS B 215 -3.77 6.85 -12.82
N PHE B 216 -4.09 5.55 -12.69
CA PHE B 216 -4.63 5.10 -11.40
C PHE B 216 -3.59 5.12 -10.29
N LEU B 217 -2.36 4.71 -10.60
CA LEU B 217 -1.30 4.77 -9.60
C LEU B 217 -1.00 6.19 -9.15
N ASN B 218 -1.04 7.14 -10.08
CA ASN B 218 -0.83 8.53 -9.71
C ASN B 218 -1.96 8.95 -8.76
N ARG B 219 -3.19 8.56 -9.06
CA ARG B 219 -4.29 8.92 -8.17
C ARG B 219 -4.07 8.39 -6.76
N LEU B 220 -3.72 7.11 -6.67
CA LEU B 220 -3.52 6.47 -5.37
C LEU B 220 -2.38 7.09 -4.60
N ARG B 221 -1.25 7.31 -5.28
CA ARG B 221 -0.09 7.84 -4.57
C ARG B 221 -0.31 9.29 -4.18
N ALA B 222 -1.06 10.04 -5.00
CA ALA B 222 -1.43 11.42 -4.64
C ALA B 222 -2.30 11.49 -3.37
N LEU B 223 -3.08 10.45 -3.12
CA LEU B 223 -4.00 10.36 -1.96
C LEU B 223 -3.42 9.60 -0.80
N THR B 224 -2.15 9.23 -0.93
CA THR B 224 -1.43 8.56 0.10
C THR B 224 -0.54 9.54 0.87
N HIS B 225 -0.85 9.68 2.15
CA HIS B 225 -0.18 10.67 2.99
C HIS B 225 -0.17 10.14 4.44
N ASP B 226 0.94 9.56 4.82
CA ASP B 226 1.06 8.91 6.14
C ASP B 226 -0.14 7.99 6.31
N ASP B 227 -0.81 8.01 7.46
CA ASP B 227 -1.94 7.12 7.62
C ASP B 227 -3.30 7.79 7.41
N PHE B 228 -3.35 8.99 6.81
CA PHE B 228 -4.64 9.54 6.40
C PHE B 228 -5.46 8.54 5.55
N ARG B 229 -6.75 8.44 5.90
CA ARG B 229 -7.66 7.59 5.19
C ARG B 229 -8.33 8.47 4.15
N ASN B 230 -7.55 8.88 3.14
CA ASN B 230 -8.07 9.74 2.10
C ASN B 230 -8.93 9.03 1.05
N ALA B 231 -8.39 8.03 0.38
CA ALA B 231 -9.00 7.43 -0.79
C ALA B 231 -9.89 6.32 -0.27
N TRP B 232 -11.03 6.19 -0.90
CA TRP B 232 -11.95 5.13 -0.49
C TRP B 232 -12.73 4.70 -1.70
N PHE B 233 -13.17 3.45 -1.68
CA PHE B 233 -14.23 3.06 -2.60
C PHE B 233 -15.36 2.39 -1.82
N VAL B 234 -16.47 2.18 -2.49
CA VAL B 234 -17.58 1.40 -1.95
C VAL B 234 -17.74 0.13 -2.73
N ASP B 235 -17.76 -1.00 -2.05
CA ASP B 235 -17.81 -2.25 -2.76
C ASP B 235 -19.26 -2.59 -3.17
N ALA B 236 -19.42 -3.68 -3.90
CA ALA B 236 -20.71 -4.04 -4.49
C ALA B 236 -21.77 -4.29 -3.42
N SER B 237 -21.37 -4.58 -2.19
CA SER B 237 -22.29 -4.73 -1.08
C SER B 237 -22.56 -3.48 -0.27
N GLY B 238 -22.01 -2.33 -0.65
CA GLY B 238 -22.18 -1.11 0.13
C GLY B 238 -21.16 -0.82 1.19
N ARG B 239 -20.10 -1.61 1.29
CA ARG B 239 -19.11 -1.42 2.35
C ARG B 239 -18.03 -0.46 1.85
N LYS B 240 -17.69 0.53 2.67
CA LYS B 240 -16.62 1.46 2.34
C LYS B 240 -15.26 0.88 2.70
N VAL B 241 -14.27 1.06 1.83
CA VAL B 241 -12.93 0.53 2.06
C VAL B 241 -11.92 1.61 1.72
N PHE B 242 -11.04 1.89 2.66
CA PHE B 242 -9.99 2.91 2.45
C PHE B 242 -8.77 2.29 1.81
N VAL B 243 -8.05 3.10 1.04
CA VAL B 243 -6.97 2.59 0.24
C VAL B 243 -5.76 3.50 0.36
N ARG B 244 -4.59 2.91 0.51
CA ARG B 244 -3.35 3.68 0.28
C ARG B 244 -2.32 2.79 -0.37
N VAL B 245 -1.29 3.38 -0.96
CA VAL B 245 -0.23 2.58 -1.61
C VAL B 245 1.11 2.75 -0.96
N VAL B 246 1.96 1.76 -1.14
CA VAL B 246 3.33 1.80 -0.64
C VAL B 246 4.22 1.55 -1.86
N LEU B 247 5.07 2.53 -2.17
CA LEU B 247 5.95 2.51 -3.34
C LEU B 247 7.40 2.58 -2.86
N GLU B 248 8.22 1.74 -3.47
CA GLU B 248 9.63 1.64 -3.10
C GLU B 248 10.49 1.43 -4.33
N PRO B 249 11.41 2.37 -4.61
CA PRO B 249 12.27 2.18 -5.78
C PRO B 249 13.29 1.08 -5.45
N GLU B 250 13.64 0.34 -6.47
CA GLU B 250 14.66 -0.70 -6.38
C GLU B 250 15.99 -0.05 -6.01
N LYS B 251 16.72 -0.68 -5.10
CA LYS B 251 18.05 -0.21 -4.76
C LYS B 251 19.03 -1.37 -4.55
#